data_5TNT
#
_entry.id   5TNT
#
_cell.length_a   99.084
_cell.length_b   99.084
_cell.length_c   94.680
_cell.angle_alpha   90.00
_cell.angle_beta   90.00
_cell.angle_gamma   120.00
#
_symmetry.space_group_name_H-M   'H 3'
#
loop_
_entity.id
_entity.type
_entity.pdbx_description
1 polymer 'Coagulation factor IX'
2 polymer 'Coagulation factor IX'
3 non-polymer N-[(1S,4S,7R)-2-(3-amino-4-chloro[1,2]oxazolo[5,4-c]pyridin-7-yl)-2-azabicyclo[2.2.1]heptan-7-yl]-2-chloro-4-(3-methyl-1H-1,2,4-triazol-1-yl)benzamide
4 non-polymer 'SODIUM ION'
5 non-polymer '2-[N-CYCLOHEXYLAMINO]ETHANE SULFONIC ACID'
6 water water
#
loop_
_entity_poly.entity_id
_entity_poly.type
_entity_poly.pdbx_seq_one_letter_code
_entity_poly.pdbx_strand_id
1 'polypeptide(L)'
;VVGGEDAKPGQFPWQVVLNGKVDAFCGGSIVNEKWIVTAAHCVETGVKITVVAGEHNIEETEHTEQKRNVIRIIPHHNYN
AAINKYNHDIALLELDEPLVLNSYVTPICIADKEYTNIFLKFGSGYVSGWGRVFHKGASALVLQYLRVPLVDRATCLRST
KFTIYNNMFCAGFHEGGRDSCQGDSGGPHVTEVEGTSFLTGIISWGEECAMKGKYGIYTKVSRYVNWIKEKTKLT
;
A
2 'polypeptide(L)' MDVTCNIKNGRCEQFCKNSADNKVVCSCTEGYRLAENQKSCEPAVPFPCGRVSVSQTSKLTR B
#
loop_
_chem_comp.id
_chem_comp.type
_chem_comp.name
_chem_comp.formula
7GQ non-polymer N-[(1S,4S,7R)-2-(3-amino-4-chloro[1,2]oxazolo[5,4-c]pyridin-7-yl)-2-azabicyclo[2.2.1]heptan-7-yl]-2-chloro-4-(3-methyl-1H-1,2,4-triazol-1-yl)benzamide 'C22 H20 Cl2 N8 O2'
NA non-polymer 'SODIUM ION' 'Na 1'
NHE non-polymer '2-[N-CYCLOHEXYLAMINO]ETHANE SULFONIC ACID' 'C8 H17 N O3 S'
#
# COMPACT_ATOMS: atom_id res chain seq x y z
N VAL A 1 -4.14 -11.20 8.00
CA VAL A 1 -2.73 -11.17 8.44
C VAL A 1 -2.57 -12.16 9.59
N VAL A 2 -1.62 -13.08 9.45
CA VAL A 2 -1.26 -14.05 10.45
C VAL A 2 -0.01 -13.53 11.14
N GLY A 3 -0.01 -13.61 12.47
CA GLY A 3 1.15 -13.18 13.24
C GLY A 3 1.34 -11.71 13.34
N GLY A 4 0.29 -10.95 13.08
CA GLY A 4 0.33 -9.49 13.21
C GLY A 4 -0.16 -9.03 14.57
N GLU A 5 -0.35 -7.71 14.72
CA GLU A 5 -0.87 -7.09 15.91
C GLU A 5 -2.00 -6.17 15.55
N ASP A 6 -2.85 -5.83 16.54
CA ASP A 6 -3.91 -4.89 16.32
C ASP A 6 -3.33 -3.51 16.02
N ALA A 7 -3.83 -2.87 14.96
CA ALA A 7 -3.52 -1.46 14.73
C ALA A 7 -4.21 -0.65 15.81
N LYS A 8 -3.67 0.56 16.06
CA LYS A 8 -4.36 1.50 16.88
C LYS A 8 -5.23 2.32 15.89
N PRO A 9 -6.33 2.93 16.35
CA PRO A 9 -7.10 3.81 15.47
C PRO A 9 -6.23 4.89 14.82
N GLY A 10 -6.39 5.04 13.51
CA GLY A 10 -5.66 6.02 12.74
C GLY A 10 -4.21 5.68 12.46
N GLN A 11 -3.74 4.44 12.79
CA GLN A 11 -2.35 4.09 12.54
C GLN A 11 -2.06 3.87 11.07
N PHE A 12 -3.08 3.45 10.29
CA PHE A 12 -2.92 3.19 8.85
C PHE A 12 -4.10 3.87 8.15
N PRO A 13 -4.11 5.23 8.15
CA PRO A 13 -5.31 5.96 7.73
C PRO A 13 -5.61 5.94 6.24
N TRP A 14 -4.67 5.36 5.47
CA TRP A 14 -4.84 5.12 4.03
C TRP A 14 -5.49 3.78 3.76
N GLN A 15 -5.64 2.90 4.78
CA GLN A 15 -6.25 1.59 4.53
C GLN A 15 -7.74 1.70 4.28
N VAL A 16 -8.25 0.95 3.33
CA VAL A 16 -9.68 0.77 3.18
C VAL A 16 -9.98 -0.74 3.17
N VAL A 17 -11.26 -1.04 3.37
CA VAL A 17 -11.78 -2.38 3.25
C VAL A 17 -12.81 -2.36 2.13
N LEU A 18 -12.85 -3.46 1.38
CA LEU A 18 -13.85 -3.72 0.33
C LEU A 18 -14.86 -4.78 0.83
N ASN A 19 -16.12 -4.43 0.75
CA ASN A 19 -17.22 -5.28 1.18
C ASN A 19 -18.12 -5.55 0.01
N GLY A 20 -18.65 -6.78 -0.03
CA GLY A 20 -19.54 -7.23 -1.09
C GLY A 20 -20.50 -8.27 -0.56
N LYS A 21 -20.60 -9.43 -1.25
CA LYS A 21 -21.46 -10.52 -0.81
C LYS A 21 -20.95 -11.03 0.52
N VAL A 22 -19.63 -10.98 0.73
CA VAL A 22 -19.04 -11.25 2.03
C VAL A 22 -18.33 -9.98 2.39
N ASP A 23 -18.13 -9.76 3.68
CA ASP A 23 -17.41 -8.58 4.12
C ASP A 23 -15.93 -8.82 4.13
N ALA A 24 -15.14 -7.72 3.99
CA ALA A 24 -13.71 -7.78 4.10
C ALA A 24 -13.16 -8.82 3.22
N PHE A 25 -13.59 -8.77 1.94
CA PHE A 25 -13.07 -9.74 1.00
C PHE A 25 -11.73 -9.34 0.44
N CYS A 26 -11.40 -8.04 0.50
CA CYS A 26 -10.14 -7.49 0.03
C CYS A 26 -9.91 -6.18 0.73
N GLY A 27 -8.69 -5.69 0.61
CA GLY A 27 -8.31 -4.35 1.07
C GLY A 27 -8.07 -3.43 -0.11
N GLY A 28 -7.67 -2.21 0.22
CA GLY A 28 -7.29 -1.18 -0.73
C GLY A 28 -6.58 -0.07 -0.03
N SER A 29 -6.09 0.92 -0.80
CA SER A 29 -5.43 2.08 -0.25
C SER A 29 -5.96 3.37 -0.88
N ILE A 30 -6.08 4.43 -0.08
CA ILE A 30 -6.56 5.72 -0.57
C ILE A 30 -5.45 6.40 -1.38
N VAL A 31 -5.72 6.70 -2.67
CA VAL A 31 -4.82 7.50 -3.50
C VAL A 31 -5.15 8.99 -3.29
N ASN A 32 -6.43 9.33 -3.36
CA ASN A 32 -6.91 10.68 -3.08
C ASN A 32 -8.37 10.58 -2.68
N GLU A 33 -9.03 11.71 -2.51
CA GLU A 33 -10.41 11.72 -2.05
C GLU A 33 -11.41 10.96 -2.94
N LYS A 34 -11.08 10.75 -4.22
CA LYS A 34 -12.02 10.08 -5.13
C LYS A 34 -11.53 8.73 -5.62
N TRP A 35 -10.31 8.27 -5.26
CA TRP A 35 -9.72 7.09 -5.87
C TRP A 35 -9.05 6.16 -4.87
N ILE A 36 -9.29 4.85 -5.05
CA ILE A 36 -8.69 3.77 -4.29
C ILE A 36 -7.86 2.90 -5.22
N VAL A 37 -6.71 2.40 -4.76
CA VAL A 37 -5.95 1.42 -5.49
C VAL A 37 -6.03 0.06 -4.78
N THR A 38 -6.22 -1.00 -5.54
CA THR A 38 -6.42 -2.35 -5.02
C THR A 38 -5.83 -3.37 -6.01
N ALA A 39 -6.13 -4.66 -5.81
CA ALA A 39 -5.69 -5.71 -6.71
C ALA A 39 -6.82 -5.91 -7.72
N ALA A 40 -6.46 -6.12 -8.99
CA ALA A 40 -7.45 -6.34 -10.03
C ALA A 40 -8.23 -7.61 -9.79
N HIS A 41 -7.62 -8.66 -9.22
CA HIS A 41 -8.39 -9.91 -9.01
C HIS A 41 -9.50 -9.75 -7.96
N CYS A 42 -9.44 -8.70 -7.14
CA CYS A 42 -10.48 -8.44 -6.14
C CYS A 42 -11.74 -7.94 -6.79
N VAL A 43 -11.65 -7.34 -8.00
CA VAL A 43 -12.73 -6.58 -8.58
C VAL A 43 -12.95 -6.96 -10.06
N GLU A 44 -12.68 -8.23 -10.41
CA GLU A 44 -12.80 -8.76 -11.78
C GLU A 44 -14.24 -8.96 -12.25
N THR A 45 -15.11 -9.45 -11.37
CA THR A 45 -16.48 -9.77 -11.77
C THR A 45 -17.35 -8.52 -12.05
N GLY A 46 -16.92 -7.33 -11.62
CA GLY A 46 -17.68 -6.11 -11.86
C GLY A 46 -18.98 -6.02 -11.07
N VAL A 47 -19.05 -6.76 -9.95
CA VAL A 47 -20.21 -6.77 -9.06
C VAL A 47 -20.06 -5.51 -8.18
N LYS A 48 -21.16 -5.07 -7.53
CA LYS A 48 -21.15 -3.89 -6.65
C LYS A 48 -20.12 -4.03 -5.53
N ILE A 49 -19.41 -2.94 -5.24
CA ILE A 49 -18.40 -2.91 -4.18
C ILE A 49 -18.68 -1.69 -3.30
N THR A 50 -18.57 -1.87 -2.00
CA THR A 50 -18.65 -0.80 -1.03
C THR A 50 -17.21 -0.65 -0.52
N VAL A 51 -16.70 0.59 -0.49
CA VAL A 51 -15.41 0.93 0.12
C VAL A 51 -15.68 1.59 1.48
N VAL A 52 -14.96 1.18 2.52
CA VAL A 52 -15.07 1.85 3.81
C VAL A 52 -13.67 2.33 4.20
N ALA A 53 -13.54 3.67 4.31
CA ALA A 53 -12.34 4.33 4.81
C ALA A 53 -12.58 4.65 6.28
N GLY A 54 -11.53 4.89 7.03
CA GLY A 54 -11.69 5.19 8.45
C GLY A 54 -12.20 4.03 9.28
N GLU A 55 -12.02 2.81 8.78
CA GLU A 55 -12.46 1.61 9.47
C GLU A 55 -11.42 1.13 10.47
N HIS A 56 -11.85 0.45 11.49
CA HIS A 56 -10.99 -0.05 12.54
C HIS A 56 -11.46 -1.43 12.93
N ASN A 57 -12.66 -1.53 13.53
CA ASN A 57 -13.24 -2.79 13.92
C ASN A 57 -14.43 -3.02 12.99
N ILE A 58 -14.34 -4.00 12.10
CA ILE A 58 -15.37 -4.24 11.10
C ILE A 58 -16.69 -4.79 11.66
N GLU A 59 -16.75 -5.16 12.96
N GLU A 59 -16.76 -5.17 12.96
CA GLU A 59 -18.00 -5.62 13.57
CA GLU A 59 -18.03 -5.60 13.50
C GLU A 59 -18.57 -4.59 14.57
C GLU A 59 -18.66 -4.55 14.43
N GLU A 60 -18.05 -3.36 14.57
CA GLU A 60 -18.53 -2.27 15.42
C GLU A 60 -18.75 -1.03 14.58
N THR A 61 -19.96 -0.47 14.60
CA THR A 61 -20.25 0.75 13.86
C THR A 61 -19.68 1.84 14.70
N GLU A 62 -18.68 2.53 14.20
CA GLU A 62 -18.06 3.59 14.96
C GLU A 62 -18.34 4.95 14.28
N HIS A 63 -17.52 5.99 14.47
N HIS A 63 -17.48 5.89 14.48
CA HIS A 63 -17.77 7.33 13.88
CA HIS A 63 -17.61 7.26 14.08
C HIS A 63 -16.77 7.81 12.83
C HIS A 63 -16.84 7.66 12.83
N THR A 64 -15.62 7.17 12.70
CA THR A 64 -14.68 7.60 11.69
C THR A 64 -14.91 6.96 10.32
N GLU A 65 -15.76 5.94 10.24
CA GLU A 65 -15.98 5.28 8.97
C GLU A 65 -16.65 6.18 7.95
N GLN A 66 -16.17 6.10 6.73
CA GLN A 66 -16.75 6.78 5.57
C GLN A 66 -17.00 5.75 4.50
N LYS A 67 -18.26 5.46 4.26
CA LYS A 67 -18.65 4.47 3.28
C LYS A 67 -18.90 5.14 1.95
N ARG A 68 -18.42 4.56 0.87
CA ARG A 68 -18.67 5.11 -0.46
C ARG A 68 -18.94 3.98 -1.44
N ASN A 69 -19.72 4.28 -2.48
CA ASN A 69 -19.98 3.32 -3.53
C ASN A 69 -18.96 3.49 -4.64
N VAL A 70 -18.57 2.39 -5.28
CA VAL A 70 -17.65 2.40 -6.42
C VAL A 70 -18.48 2.65 -7.69
N ILE A 71 -18.17 3.74 -8.43
CA ILE A 71 -18.89 4.08 -9.67
C ILE A 71 -18.15 3.58 -10.91
N ARG A 72 -16.82 3.42 -10.83
CA ARG A 72 -16.04 2.88 -11.96
C ARG A 72 -14.87 2.08 -11.46
N ILE A 73 -14.53 1.00 -12.21
CA ILE A 73 -13.40 0.12 -11.95
C ILE A 73 -12.48 0.20 -13.14
N ILE A 74 -11.20 0.51 -12.90
CA ILE A 74 -10.21 0.58 -13.95
C ILE A 74 -9.14 -0.43 -13.63
N PRO A 75 -9.30 -1.66 -14.13
CA PRO A 75 -8.19 -2.61 -14.06
C PRO A 75 -7.04 -2.09 -14.93
N HIS A 76 -5.81 -2.41 -14.57
CA HIS A 76 -4.69 -1.99 -15.41
C HIS A 76 -4.91 -2.52 -16.83
N HIS A 77 -4.52 -1.73 -17.86
CA HIS A 77 -4.72 -2.11 -19.26
C HIS A 77 -4.04 -3.43 -19.66
N ASN A 78 -3.00 -3.86 -18.92
CA ASN A 78 -2.35 -5.14 -19.22
C ASN A 78 -2.89 -6.29 -18.41
N TYR A 79 -3.88 -6.07 -17.50
CA TYR A 79 -4.46 -7.17 -16.77
C TYR A 79 -5.38 -7.98 -17.68
N ASN A 80 -5.26 -9.31 -17.63
CA ASN A 80 -6.10 -10.21 -18.38
C ASN A 80 -6.34 -11.45 -17.52
N ALA A 81 -7.44 -11.46 -16.80
CA ALA A 81 -7.75 -12.59 -15.91
C ALA A 81 -7.91 -13.92 -16.60
N ALA A 82 -8.27 -13.91 -17.89
CA ALA A 82 -8.43 -15.14 -18.66
C ALA A 82 -7.07 -15.86 -18.86
N ILE A 83 -5.95 -15.12 -18.80
CA ILE A 83 -4.60 -15.69 -18.94
C ILE A 83 -3.97 -15.89 -17.59
N ASN A 84 -3.99 -14.85 -16.73
CA ASN A 84 -3.31 -14.94 -15.47
C ASN A 84 -3.98 -13.97 -14.50
N LYS A 85 -4.70 -14.53 -13.54
CA LYS A 85 -5.43 -13.77 -12.54
C LYS A 85 -4.52 -12.88 -11.69
N TYR A 86 -3.21 -13.13 -11.63
CA TYR A 86 -2.34 -12.39 -10.71
C TYR A 86 -1.17 -11.58 -11.37
N ASN A 87 -1.19 -11.37 -12.72
CA ASN A 87 -0.16 -10.60 -13.40
C ASN A 87 -0.74 -9.24 -13.72
N HIS A 88 -0.03 -8.16 -13.36
CA HIS A 88 -0.51 -6.77 -13.51
C HIS A 88 -1.73 -6.68 -12.62
N ASP A 89 -1.62 -7.23 -11.39
CA ASP A 89 -2.74 -7.33 -10.48
C ASP A 89 -2.97 -6.05 -9.72
N ILE A 90 -3.48 -5.05 -10.42
CA ILE A 90 -3.69 -3.75 -9.83
C ILE A 90 -4.88 -3.06 -10.54
N ALA A 91 -5.70 -2.35 -9.76
CA ALA A 91 -6.89 -1.69 -10.29
C ALA A 91 -7.19 -0.45 -9.49
N LEU A 92 -7.89 0.49 -10.13
CA LEU A 92 -8.32 1.73 -9.51
C LEU A 92 -9.81 1.76 -9.40
N LEU A 93 -10.31 2.23 -8.26
CA LEU A 93 -11.74 2.35 -7.98
C LEU A 93 -12.08 3.82 -7.84
N GLU A 94 -13.06 4.31 -8.62
CA GLU A 94 -13.56 5.67 -8.49
C GLU A 94 -14.73 5.64 -7.55
N LEU A 95 -14.74 6.55 -6.56
CA LEU A 95 -15.82 6.64 -5.59
C LEU A 95 -16.94 7.55 -6.08
N ASP A 96 -18.15 7.28 -5.63
CA ASP A 96 -19.31 8.07 -6.04
C ASP A 96 -19.21 9.53 -5.59
N GLU A 97 -18.81 9.73 -4.32
CA GLU A 97 -18.71 11.03 -3.68
C GLU A 97 -17.37 11.07 -2.94
N PRO A 98 -16.71 12.22 -2.91
CA PRO A 98 -15.39 12.27 -2.29
C PRO A 98 -15.37 11.94 -0.83
N LEU A 99 -14.25 11.29 -0.43
CA LEU A 99 -13.95 11.10 0.97
C LEU A 99 -13.65 12.50 1.53
N VAL A 100 -13.85 12.66 2.84
CA VAL A 100 -13.48 13.87 3.57
C VAL A 100 -12.21 13.48 4.26
N LEU A 101 -11.09 14.08 3.85
CA LEU A 101 -9.82 13.73 4.45
C LEU A 101 -9.70 14.25 5.86
N ASN A 102 -9.17 13.43 6.76
CA ASN A 102 -8.97 13.76 8.14
C ASN A 102 -7.91 12.83 8.74
N SER A 103 -7.72 12.88 10.03
CA SER A 103 -6.68 12.07 10.66
C SER A 103 -6.88 10.57 10.50
N TYR A 104 -8.13 10.12 10.24
CA TYR A 104 -8.47 8.71 10.07
C TYR A 104 -8.59 8.29 8.61
N VAL A 105 -8.63 9.27 7.68
CA VAL A 105 -8.87 9.06 6.26
C VAL A 105 -7.85 9.94 5.53
N THR A 106 -6.69 9.34 5.25
CA THR A 106 -5.53 10.07 4.72
C THR A 106 -4.94 9.29 3.58
N PRO A 107 -4.59 9.93 2.47
CA PRO A 107 -3.98 9.18 1.37
C PRO A 107 -2.61 8.58 1.71
N ILE A 108 -2.23 7.54 0.98
CA ILE A 108 -0.87 7.00 1.03
C ILE A 108 -0.06 7.82 0.04
N CYS A 109 1.22 8.10 0.35
CA CYS A 109 2.04 8.81 -0.64
C CYS A 109 2.47 7.86 -1.74
N ILE A 110 2.62 8.38 -2.95
CA ILE A 110 3.12 7.57 -4.06
C ILE A 110 4.25 8.36 -4.73
N ALA A 111 5.47 7.83 -4.59
CA ALA A 111 6.66 8.44 -5.18
C ALA A 111 6.71 8.15 -6.66
N ASP A 112 7.69 8.74 -7.38
CA ASP A 112 7.88 8.43 -8.77
C ASP A 112 8.40 6.98 -8.90
N LYS A 113 8.53 6.51 -10.12
CA LYS A 113 8.94 5.13 -10.34
C LYS A 113 10.31 4.81 -9.71
N GLU A 114 11.27 5.71 -9.88
CA GLU A 114 12.61 5.48 -9.36
C GLU A 114 12.64 5.40 -7.83
N TYR A 115 12.00 6.37 -7.16
CA TYR A 115 12.00 6.34 -5.71
C TYR A 115 11.12 5.27 -5.14
N THR A 116 10.00 4.89 -5.80
CA THR A 116 9.20 3.79 -5.26
C THR A 116 10.08 2.53 -5.23
N ASN A 117 10.88 2.31 -6.28
CA ASN A 117 11.79 1.17 -6.32
C ASN A 117 12.92 1.29 -5.27
N ILE A 118 13.49 2.47 -5.07
CA ILE A 118 14.48 2.66 -3.99
C ILE A 118 13.87 2.30 -2.64
N PHE A 119 12.65 2.75 -2.39
CA PHE A 119 12.02 2.48 -1.10
C PHE A 119 11.75 1.00 -0.92
N LEU A 120 11.36 0.29 -1.99
CA LEU A 120 11.21 -1.17 -1.84
C LEU A 120 12.58 -1.81 -1.49
N LYS A 121 13.65 -1.28 -2.02
CA LYS A 121 15.00 -1.78 -1.74
C LYS A 121 15.45 -1.56 -0.30
N PHE A 122 14.79 -0.67 0.45
CA PHE A 122 15.08 -0.54 1.88
C PHE A 122 14.92 -1.91 2.57
N GLY A 123 14.01 -2.75 2.08
CA GLY A 123 13.91 -4.13 2.55
C GLY A 123 12.92 -4.42 3.65
N SER A 124 12.10 -3.46 4.05
CA SER A 124 11.16 -3.67 5.16
C SER A 124 9.94 -2.82 4.96
N GLY A 125 8.79 -3.46 4.86
CA GLY A 125 7.54 -2.74 4.68
C GLY A 125 6.50 -3.20 5.66
N TYR A 126 5.43 -2.45 5.73
CA TYR A 126 4.29 -2.79 6.57
C TYR A 126 3.12 -3.19 5.70
N VAL A 127 2.46 -4.30 6.04
CA VAL A 127 1.23 -4.75 5.43
C VAL A 127 0.12 -4.71 6.45
N SER A 128 -1.10 -4.51 6.01
CA SER A 128 -2.21 -4.39 6.92
C SER A 128 -3.47 -4.89 6.26
N GLY A 129 -4.40 -5.35 7.08
CA GLY A 129 -5.68 -5.79 6.54
C GLY A 129 -6.54 -6.53 7.52
N TRP A 130 -7.75 -6.86 7.06
CA TRP A 130 -8.74 -7.61 7.84
C TRP A 130 -8.86 -9.07 7.37
N GLY A 131 -7.83 -9.58 6.71
CA GLY A 131 -7.79 -10.95 6.27
C GLY A 131 -7.72 -11.95 7.39
N ARG A 132 -7.69 -13.20 7.01
CA ARG A 132 -7.69 -14.28 7.97
C ARG A 132 -6.48 -14.14 8.89
N VAL A 133 -6.71 -14.50 10.19
CA VAL A 133 -5.65 -14.43 11.21
C VAL A 133 -4.95 -15.74 11.41
N PHE A 134 -5.42 -16.80 10.78
CA PHE A 134 -4.72 -18.08 10.66
C PHE A 134 -5.07 -18.61 9.30
N HIS A 135 -4.22 -19.47 8.73
CA HIS A 135 -4.57 -20.13 7.47
C HIS A 135 -5.88 -20.92 7.69
N LYS A 136 -6.86 -20.65 6.82
CA LYS A 136 -8.22 -21.21 6.84
C LYS A 136 -8.95 -20.86 8.13
N GLY A 137 -8.52 -19.80 8.79
CA GLY A 137 -9.09 -19.39 10.05
C GLY A 137 -10.00 -18.19 9.90
N ALA A 138 -10.43 -17.65 11.00
CA ALA A 138 -11.34 -16.50 10.96
C ALA A 138 -10.68 -15.24 10.47
N SER A 139 -11.48 -14.34 9.91
CA SER A 139 -11.08 -13.00 9.54
C SER A 139 -10.85 -12.18 10.81
N ALA A 140 -10.07 -11.12 10.67
CA ALA A 140 -9.87 -10.20 11.78
C ALA A 140 -11.09 -9.34 12.02
N LEU A 141 -11.26 -8.83 13.23
N LEU A 141 -11.24 -8.86 13.25
CA LEU A 141 -12.26 -7.79 13.50
CA LEU A 141 -12.25 -7.87 13.61
C LEU A 141 -11.56 -6.44 13.55
C LEU A 141 -11.59 -6.49 13.58
N VAL A 142 -10.50 -6.34 14.37
CA VAL A 142 -9.67 -5.14 14.43
C VAL A 142 -8.59 -5.26 13.34
N LEU A 143 -8.36 -4.17 12.60
CA LEU A 143 -7.30 -4.12 11.58
C LEU A 143 -6.00 -4.67 12.14
N GLN A 144 -5.33 -5.55 11.35
CA GLN A 144 -4.05 -6.12 11.75
C GLN A 144 -2.94 -5.51 10.93
N TYR A 145 -1.72 -5.46 11.50
CA TYR A 145 -0.56 -5.02 10.74
C TYR A 145 0.65 -5.87 11.07
N LEU A 146 1.61 -5.87 10.14
CA LEU A 146 2.79 -6.67 10.25
C LEU A 146 3.92 -6.07 9.40
N ARG A 147 5.14 -6.02 9.98
CA ARG A 147 6.33 -5.65 9.26
C ARG A 147 6.86 -6.90 8.58
N VAL A 148 7.09 -6.84 7.27
CA VAL A 148 7.61 -7.97 6.49
C VAL A 148 8.89 -7.57 5.76
N PRO A 149 9.92 -8.42 5.83
CA PRO A 149 11.17 -8.13 5.13
C PRO A 149 11.08 -8.62 3.70
N LEU A 150 11.79 -7.92 2.82
CA LEU A 150 11.90 -8.31 1.43
C LEU A 150 12.70 -9.62 1.38
N VAL A 151 12.27 -10.58 0.54
CA VAL A 151 12.94 -11.86 0.39
C VAL A 151 13.65 -11.87 -0.96
N ASP A 152 14.87 -12.41 -1.01
CA ASP A 152 15.60 -12.43 -2.27
C ASP A 152 14.88 -13.34 -3.30
N ARG A 153 14.93 -12.91 -4.55
CA ARG A 153 14.26 -13.53 -5.69
C ARG A 153 14.47 -15.04 -5.85
N ALA A 154 15.72 -15.50 -5.78
CA ALA A 154 15.98 -16.94 -5.96
C ALA A 154 15.29 -17.78 -4.89
N THR A 155 15.27 -17.30 -3.63
CA THR A 155 14.62 -17.99 -2.51
C THR A 155 13.14 -18.10 -2.76
N CYS A 156 12.53 -17.01 -3.23
CA CYS A 156 11.13 -17.07 -3.52
C CYS A 156 10.77 -17.99 -4.67
N LEU A 157 11.52 -17.94 -5.78
CA LEU A 157 11.26 -18.83 -6.92
C LEU A 157 11.22 -20.32 -6.48
N ARG A 158 12.19 -20.75 -5.66
CA ARG A 158 12.23 -22.14 -5.13
C ARG A 158 11.06 -22.48 -4.21
N SER A 159 10.48 -21.46 -3.53
CA SER A 159 9.38 -21.66 -2.58
C SER A 159 8.04 -22.02 -3.22
N THR A 160 7.84 -21.77 -4.54
CA THR A 160 6.54 -22.03 -5.20
C THR A 160 6.69 -22.64 -6.58
N LYS A 161 5.69 -23.42 -7.01
CA LYS A 161 5.66 -24.01 -8.34
C LYS A 161 5.20 -22.99 -9.40
N PHE A 162 4.45 -21.95 -8.98
CA PHE A 162 3.94 -20.91 -9.89
C PHE A 162 5.07 -19.95 -10.27
N THR A 163 4.92 -19.26 -11.41
CA THR A 163 5.96 -18.36 -11.92
C THR A 163 5.84 -16.98 -11.25
N ILE A 164 6.99 -16.40 -10.88
CA ILE A 164 7.04 -15.08 -10.25
C ILE A 164 7.76 -14.15 -11.24
N TYR A 165 7.04 -13.18 -11.85
CA TYR A 165 7.66 -12.25 -12.78
C TYR A 165 8.31 -11.08 -12.03
N ASN A 166 9.10 -10.30 -12.74
CA ASN A 166 9.86 -9.18 -12.22
C ASN A 166 9.00 -8.05 -11.73
N ASN A 167 7.70 -8.00 -12.11
CA ASN A 167 6.75 -7.00 -11.55
C ASN A 167 6.17 -7.44 -10.20
N MET A 168 6.62 -8.58 -9.64
N MET A 168 6.67 -8.55 -9.62
CA MET A 168 6.18 -9.07 -8.34
CA MET A 168 6.25 -9.03 -8.31
C MET A 168 7.40 -9.22 -7.42
C MET A 168 7.45 -9.09 -7.41
N PHE A 169 7.17 -9.15 -6.11
CA PHE A 169 8.21 -9.40 -5.15
C PHE A 169 7.61 -10.28 -4.07
N CYS A 170 8.47 -10.89 -3.30
CA CYS A 170 8.12 -11.73 -2.16
C CYS A 170 8.59 -11.08 -0.87
N ALA A 171 7.82 -11.27 0.20
CA ALA A 171 8.18 -10.74 1.50
C ALA A 171 7.65 -11.68 2.56
N GLY A 172 8.31 -11.72 3.71
CA GLY A 172 7.92 -12.60 4.78
C GLY A 172 9.10 -13.24 5.48
N PHE A 173 8.83 -14.32 6.19
CA PHE A 173 9.81 -14.94 7.07
C PHE A 173 10.07 -16.37 6.73
N HIS A 174 11.35 -16.79 6.80
CA HIS A 174 11.75 -18.16 6.51
C HIS A 174 11.08 -19.16 7.47
N GLU A 175 10.91 -18.79 8.74
CA GLU A 175 10.28 -19.65 9.74
C GLU A 175 8.76 -19.76 9.62
N GLY A 176 8.13 -18.89 8.81
CA GLY A 176 6.68 -18.87 8.68
C GLY A 176 6.09 -18.15 9.88
N GLY A 177 4.79 -18.37 10.17
CA GLY A 177 4.06 -17.78 11.29
C GLY A 177 3.66 -16.31 11.18
N ARG A 178 4.13 -15.59 10.15
CA ARG A 178 3.90 -14.19 9.93
C ARG A 178 3.72 -13.94 8.44
N ASP A 179 2.54 -13.55 8.00
CA ASP A 179 2.28 -13.35 6.60
C ASP A 179 0.97 -12.63 6.38
N SER A 180 0.75 -12.20 5.14
CA SER A 180 -0.57 -11.77 4.67
C SER A 180 -1.39 -13.05 4.47
N CYS A 181 -2.70 -12.91 4.30
CA CYS A 181 -3.57 -14.05 4.09
C CYS A 181 -4.79 -13.65 3.29
N GLN A 182 -5.62 -14.62 2.95
CA GLN A 182 -6.85 -14.39 2.21
C GLN A 182 -7.70 -13.32 2.92
N GLY A 183 -8.17 -12.36 2.15
CA GLY A 183 -8.92 -11.21 2.64
C GLY A 183 -8.04 -9.97 2.70
N ASP A 184 -6.70 -10.12 2.75
CA ASP A 184 -5.78 -8.99 2.75
C ASP A 184 -5.46 -8.51 1.35
N SER A 185 -5.67 -9.35 0.31
CA SER A 185 -5.34 -8.94 -1.05
C SER A 185 -5.91 -7.59 -1.41
N GLY A 186 -5.12 -6.83 -2.16
CA GLY A 186 -5.51 -5.49 -2.57
C GLY A 186 -5.07 -4.41 -1.65
N GLY A 187 -4.75 -4.77 -0.39
CA GLY A 187 -4.29 -3.80 0.57
C GLY A 187 -2.88 -3.37 0.33
N PRO A 188 -2.42 -2.48 1.22
CA PRO A 188 -1.10 -1.85 1.05
C PRO A 188 0.09 -2.62 1.60
N HIS A 189 1.23 -2.53 0.88
CA HIS A 189 2.56 -2.76 1.39
C HIS A 189 3.22 -1.38 1.34
N VAL A 190 3.58 -0.84 2.51
CA VAL A 190 4.11 0.53 2.58
C VAL A 190 5.47 0.55 3.24
N THR A 191 6.28 1.51 2.83
CA THR A 191 7.60 1.70 3.38
C THR A 191 7.63 3.10 4.04
N GLU A 192 8.04 3.15 5.29
CA GLU A 192 8.12 4.38 6.06
C GLU A 192 9.46 5.06 5.78
N VAL A 193 9.40 6.32 5.35
CA VAL A 193 10.58 7.11 4.97
C VAL A 193 10.55 8.32 5.86
N GLU A 194 11.40 8.32 6.89
CA GLU A 194 11.48 9.45 7.82
C GLU A 194 10.09 9.91 8.31
N GLY A 195 9.23 8.97 8.66
CA GLY A 195 7.90 9.29 9.19
C GLY A 195 6.78 9.51 8.19
N THR A 196 7.06 9.31 6.89
CA THR A 196 6.06 9.41 5.85
C THR A 196 6.00 8.07 5.14
N SER A 197 4.81 7.50 5.04
CA SER A 197 4.65 6.21 4.38
C SER A 197 4.37 6.35 2.91
N PHE A 198 5.05 5.50 2.10
CA PHE A 198 4.93 5.45 0.68
C PHE A 198 4.47 4.07 0.23
N LEU A 199 3.63 4.02 -0.75
CA LEU A 199 3.13 2.72 -1.25
C LEU A 199 4.22 2.07 -2.14
N THR A 200 4.63 0.87 -1.70
CA THR A 200 5.67 0.11 -2.37
C THR A 200 5.11 -1.17 -2.99
N GLY A 201 3.99 -1.68 -2.51
CA GLY A 201 3.43 -2.88 -3.11
C GLY A 201 1.95 -2.97 -2.89
N ILE A 202 1.33 -3.87 -3.66
CA ILE A 202 -0.06 -4.24 -3.46
C ILE A 202 -0.02 -5.69 -2.98
N ILE A 203 -0.71 -6.00 -1.89
CA ILE A 203 -0.83 -7.37 -1.40
C ILE A 203 -1.56 -8.17 -2.50
N SER A 204 -0.96 -9.28 -2.94
CA SER A 204 -1.56 -9.99 -4.09
C SER A 204 -1.99 -11.37 -3.70
N TRP A 205 -1.05 -12.29 -3.46
CA TRP A 205 -1.44 -13.68 -3.22
C TRP A 205 -0.40 -14.46 -2.47
N GLY A 206 -0.76 -15.69 -2.16
CA GLY A 206 0.12 -16.68 -1.58
C GLY A 206 -0.58 -18.04 -1.67
N GLU A 207 0.08 -19.14 -1.28
CA GLU A 207 -0.47 -20.51 -1.38
C GLU A 207 -1.03 -21.10 -0.08
N GLU A 208 -0.33 -20.92 1.04
CA GLU A 208 -0.72 -21.40 2.37
C GLU A 208 -0.23 -20.33 3.34
N CYS A 209 -1.13 -19.61 4.01
CA CYS A 209 -0.70 -18.46 4.79
C CYS A 209 0.22 -18.81 5.88
N ALA A 210 1.37 -18.13 5.94
CA ALA A 210 2.31 -18.25 7.03
C ALA A 210 2.91 -19.64 7.22
N MET A 211 2.88 -20.50 6.19
N MET A 211 2.89 -20.48 6.18
CA MET A 211 3.49 -21.81 6.29
CA MET A 211 3.48 -21.80 6.26
C MET A 211 5.00 -21.64 6.11
C MET A 211 5.01 -21.65 6.09
N LYS A 212 5.78 -22.35 6.94
CA LYS A 212 7.24 -22.32 6.87
C LYS A 212 7.66 -22.76 5.45
N GLY A 213 8.49 -21.95 4.83
CA GLY A 213 9.00 -22.18 3.48
C GLY A 213 8.18 -21.55 2.37
N LYS A 214 7.10 -20.83 2.71
CA LYS A 214 6.23 -20.13 1.76
C LYS A 214 6.30 -18.64 2.10
N TYR A 215 6.03 -17.78 1.09
CA TYR A 215 6.06 -16.32 1.27
C TYR A 215 4.88 -15.70 0.63
N GLY A 216 4.54 -14.50 1.09
CA GLY A 216 3.52 -13.69 0.48
C GLY A 216 4.09 -13.08 -0.79
N ILE A 217 3.24 -12.99 -1.82
CA ILE A 217 3.60 -12.44 -3.11
C ILE A 217 2.87 -11.14 -3.31
N TYR A 218 3.62 -10.13 -3.77
CA TYR A 218 3.14 -8.77 -3.86
C TYR A 218 3.39 -8.19 -5.23
N THR A 219 2.54 -7.26 -5.66
CA THR A 219 2.76 -6.53 -6.89
C THR A 219 3.68 -5.33 -6.64
N LYS A 220 4.75 -5.16 -7.44
CA LYS A 220 5.61 -3.99 -7.32
C LYS A 220 4.89 -2.77 -7.85
N VAL A 221 4.63 -1.81 -7.00
CA VAL A 221 3.93 -0.58 -7.39
C VAL A 221 4.78 0.29 -8.32
N SER A 222 6.13 0.25 -8.21
CA SER A 222 6.95 1.13 -9.01
C SER A 222 6.61 1.07 -10.51
N ARG A 223 6.28 -0.12 -11.01
CA ARG A 223 5.95 -0.30 -12.43
C ARG A 223 4.66 0.43 -12.87
N TYR A 224 3.79 0.76 -11.92
CA TYR A 224 2.47 1.34 -12.17
C TYR A 224 2.24 2.74 -11.70
N VAL A 225 3.29 3.39 -11.19
N VAL A 225 3.23 3.39 -11.05
CA VAL A 225 3.18 4.73 -10.63
CA VAL A 225 2.94 4.73 -10.50
C VAL A 225 2.59 5.71 -11.63
C VAL A 225 2.56 5.76 -11.60
N ASN A 226 3.17 5.75 -12.81
CA ASN A 226 2.77 6.73 -13.83
C ASN A 226 1.32 6.59 -14.20
N TRP A 227 0.87 5.35 -14.35
CA TRP A 227 -0.54 5.06 -14.64
C TRP A 227 -1.45 5.47 -13.45
N ILE A 228 -1.08 5.16 -12.19
CA ILE A 228 -1.87 5.62 -11.08
C ILE A 228 -2.04 7.13 -11.12
N LYS A 229 -0.92 7.87 -11.27
CA LYS A 229 -0.95 9.32 -11.20
C LYS A 229 -1.81 9.88 -12.33
N GLU A 230 -1.71 9.31 -13.50
CA GLU A 230 -2.50 9.79 -14.64
C GLU A 230 -4.00 9.56 -14.47
N LYS A 231 -4.38 8.35 -14.09
CA LYS A 231 -5.77 7.98 -13.95
C LYS A 231 -6.51 8.63 -12.82
N THR A 232 -5.80 8.91 -11.69
CA THR A 232 -6.40 9.49 -10.49
C THR A 232 -6.24 10.98 -10.36
N LYS A 233 -5.56 11.67 -11.33
CA LYS A 233 -5.37 13.13 -11.28
C LYS A 233 -6.71 13.85 -11.19
N LEU A 234 -6.86 14.75 -10.21
CA LEU A 234 -8.09 15.51 -10.01
C LEU A 234 -8.01 16.92 -10.60
N THR A 235 -6.82 17.44 -10.87
CA THR A 235 -6.62 18.79 -11.44
C THR A 235 -6.18 18.71 -12.91
N ASP B 2 31.75 15.02 -1.07
CA ASP B 2 31.00 13.99 -0.36
C ASP B 2 29.50 14.32 -0.22
N VAL B 3 28.93 15.12 -1.16
CA VAL B 3 27.50 15.48 -1.17
C VAL B 3 26.87 15.07 -2.50
N THR B 4 26.23 13.89 -2.50
CA THR B 4 25.59 13.33 -3.69
C THR B 4 24.35 12.63 -3.23
N CYS B 5 23.44 12.39 -4.17
CA CYS B 5 22.24 11.67 -3.82
C CYS B 5 22.46 10.22 -3.47
N ASN B 6 23.61 9.67 -3.86
CA ASN B 6 23.85 8.28 -3.51
C ASN B 6 24.44 8.12 -2.13
N ILE B 7 24.85 9.20 -1.47
CA ILE B 7 25.37 9.13 -0.11
C ILE B 7 24.29 9.67 0.85
N LYS B 8 23.65 8.81 1.63
CA LYS B 8 22.62 9.23 2.59
C LYS B 8 21.54 10.08 1.93
N ASN B 9 21.20 9.75 0.68
CA ASN B 9 20.15 10.46 -0.07
C ASN B 9 20.43 11.97 -0.16
N GLY B 10 21.69 12.37 -0.16
CA GLY B 10 22.01 13.80 -0.17
C GLY B 10 21.56 14.54 1.08
N ARG B 11 21.25 13.82 2.14
CA ARG B 11 20.67 14.30 3.39
C ARG B 11 19.26 14.82 3.18
N CYS B 12 18.65 14.50 2.04
CA CYS B 12 17.26 14.88 1.74
C CYS B 12 16.32 13.95 2.50
N GLU B 13 15.27 14.51 3.10
CA GLU B 13 14.32 13.66 3.83
C GLU B 13 13.58 12.71 2.89
N GLN B 14 13.13 13.19 1.71
CA GLN B 14 12.38 12.38 0.76
C GLN B 14 13.18 12.16 -0.50
N PHE B 15 13.15 13.11 -1.44
CA PHE B 15 13.80 12.91 -2.73
C PHE B 15 15.02 13.80 -2.94
N CYS B 16 15.93 13.34 -3.76
CA CYS B 16 17.19 14.03 -4.03
C CYS B 16 17.45 14.02 -5.53
N LYS B 17 17.98 15.13 -6.06
CA LYS B 17 18.42 15.26 -7.43
C LYS B 17 19.82 15.88 -7.41
N ASN B 18 20.78 15.29 -8.13
CA ASN B 18 22.13 15.85 -8.21
C ASN B 18 22.06 17.15 -9.01
N SER B 19 22.75 18.19 -8.55
N SER B 19 22.73 18.20 -8.53
CA SER B 19 22.72 19.48 -9.23
CA SER B 19 22.71 19.52 -9.16
C SER B 19 24.14 19.99 -9.45
C SER B 19 24.11 19.95 -9.56
N ALA B 20 24.26 21.18 -10.06
CA ALA B 20 25.56 21.72 -10.43
C ALA B 20 26.48 21.97 -9.28
N ASP B 21 27.79 22.00 -9.58
CA ASP B 21 28.84 22.29 -8.60
C ASP B 21 28.84 21.37 -7.36
N ASN B 22 28.62 20.05 -7.57
CA ASN B 22 28.68 19.06 -6.50
C ASN B 22 27.66 19.34 -5.35
N LYS B 23 26.48 19.80 -5.75
CA LYS B 23 25.41 20.10 -4.80
C LYS B 23 24.25 19.18 -5.13
N VAL B 24 23.25 19.19 -4.28
CA VAL B 24 22.01 18.45 -4.51
C VAL B 24 20.85 19.38 -4.33
N VAL B 25 19.72 18.99 -4.92
CA VAL B 25 18.43 19.66 -4.74
C VAL B 25 17.49 18.65 -4.18
N CYS B 26 16.98 18.89 -2.97
CA CYS B 26 16.02 18.00 -2.36
C CYS B 26 14.63 18.38 -2.81
N SER B 27 13.70 17.46 -2.60
N SER B 27 13.72 17.39 -2.72
CA SER B 27 12.31 17.73 -2.88
CA SER B 27 12.32 17.56 -3.06
C SER B 27 11.44 16.77 -2.09
C SER B 27 11.43 16.66 -2.21
N CYS B 28 10.12 16.95 -2.23
CA CYS B 28 9.14 16.24 -1.43
C CYS B 28 7.97 15.82 -2.28
N THR B 29 7.15 14.92 -1.74
CA THR B 29 5.94 14.50 -2.44
C THR B 29 4.86 15.56 -2.34
N GLU B 30 3.76 15.35 -3.08
CA GLU B 30 2.60 16.26 -3.09
C GLU B 30 2.11 16.49 -1.65
N GLY B 31 1.78 17.73 -1.35
CA GLY B 31 1.26 18.08 -0.03
C GLY B 31 2.27 18.49 0.99
N TYR B 32 3.57 18.44 0.62
CA TYR B 32 4.66 18.87 1.47
C TYR B 32 5.41 19.97 0.78
N ARG B 33 6.14 20.77 1.55
N ARG B 33 6.14 20.75 1.58
CA ARG B 33 7.01 21.82 1.02
CA ARG B 33 6.97 21.88 1.16
C ARG B 33 8.41 21.54 1.50
C ARG B 33 8.40 21.61 1.57
N LEU B 34 9.39 21.92 0.70
CA LEU B 34 10.79 21.79 1.09
C LEU B 34 11.05 22.89 2.11
N ALA B 35 11.56 22.51 3.28
CA ALA B 35 11.82 23.39 4.40
C ALA B 35 13.00 24.30 4.20
N GLU B 36 13.07 25.35 5.05
CA GLU B 36 14.15 26.32 5.01
C GLU B 36 15.53 25.70 5.20
N ASN B 37 15.66 24.54 5.89
CA ASN B 37 16.96 23.90 6.03
C ASN B 37 17.39 23.19 4.74
N GLN B 38 16.54 23.26 3.69
CA GLN B 38 16.83 22.75 2.36
C GLN B 38 16.80 21.23 2.25
N LYS B 39 16.40 20.52 3.31
CA LYS B 39 16.46 19.06 3.33
C LYS B 39 15.16 18.44 3.75
N SER B 40 14.47 19.03 4.76
CA SER B 40 13.28 18.45 5.34
C SER B 40 12.03 18.75 4.55
N CYS B 41 10.98 17.98 4.82
CA CYS B 41 9.67 18.10 4.15
C CYS B 41 8.64 18.45 5.20
N GLU B 42 7.98 19.57 5.01
CA GLU B 42 7.00 20.06 5.97
C GLU B 42 5.61 19.99 5.35
N PRO B 43 4.56 19.62 6.12
CA PRO B 43 3.21 19.65 5.57
C PRO B 43 2.80 21.02 5.02
N ALA B 44 2.16 21.00 3.86
CA ALA B 44 1.66 22.20 3.19
C ALA B 44 0.15 22.14 2.97
N VAL B 45 -0.51 21.10 3.51
CA VAL B 45 -1.96 20.91 3.42
C VAL B 45 -2.42 20.38 4.76
N PRO B 46 -3.74 20.40 5.04
CA PRO B 46 -4.20 19.93 6.35
C PRO B 46 -3.93 18.45 6.67
N PHE B 47 -4.08 17.57 5.69
CA PHE B 47 -3.93 16.13 5.91
C PHE B 47 -2.98 15.56 4.84
N PRO B 48 -1.68 15.85 4.94
CA PRO B 48 -0.74 15.32 3.96
C PRO B 48 -0.66 13.81 3.93
N CYS B 49 -0.36 13.30 2.74
CA CYS B 49 -0.28 11.85 2.57
C CYS B 49 0.72 11.20 3.49
N GLY B 50 0.44 9.93 3.83
CA GLY B 50 1.42 9.08 4.49
C GLY B 50 1.78 9.42 5.90
N ARG B 51 1.05 10.31 6.53
CA ARG B 51 1.36 10.75 7.88
C ARG B 51 0.36 10.22 8.86
N VAL B 52 0.81 9.70 10.01
CA VAL B 52 -0.02 9.33 11.10
C VAL B 52 -0.18 10.56 11.98
N SER B 53 -1.43 11.05 12.16
CA SER B 53 -1.71 12.25 12.93
C SER B 53 -2.52 11.95 14.20
N VAL B 54 -3.22 10.80 14.28
CA VAL B 54 -3.98 10.45 15.48
C VAL B 54 -2.95 10.07 16.54
N SER B 55 -3.16 10.51 17.80
CA SER B 55 -2.27 10.13 18.89
C SER B 55 -2.19 8.61 18.98
N GLN B 56 -0.97 8.09 19.05
CA GLN B 56 -0.69 6.67 19.16
C GLN B 56 -0.25 6.34 20.57
CL1 7GQ C . -2.46 -12.30 0.30
C19 7GQ C . -3.02 -13.95 0.22
C18 7GQ C . -2.27 -15.03 0.72
C21 7GQ C . -1.01 -15.35 1.37
N7 7GQ C . 0.01 -14.51 1.61
N6 7GQ C . -0.90 -16.63 1.58
O1 7GQ C . -2.06 -17.27 1.04
C17 7GQ C . -2.85 -16.29 0.54
C20 7GQ C . -4.24 -14.24 -0.39
N5 7GQ C . -4.79 -15.45 -0.57
C16 7GQ C . -4.09 -16.49 -0.10
N4 7GQ C . -4.69 -17.75 -0.32
C15 7GQ C . -6.03 -17.89 -1.02
C11 7GQ C . -6.23 -19.41 -1.02
C14 7GQ C . -4.20 -19.09 0.06
C13 7GQ C . -5.22 -19.32 1.19
C12 7GQ C . -6.55 -19.62 0.46
C10 7GQ C . -4.80 -19.91 -1.10
N3 7GQ C . -4.12 -19.59 -2.35
C9 7GQ C . -4.52 -20.06 -3.54
O 7GQ C . -5.48 -20.83 -3.66
C6 7GQ C . -3.75 -19.61 -4.75
C5 7GQ C . -3.22 -20.59 -5.58
C4 7GQ C . -2.56 -20.25 -6.74
C7 7GQ C . -3.59 -18.28 -5.11
CL 7GQ C . -4.35 -17.01 -4.18
C8 7GQ C . -2.91 -17.92 -6.26
C3 7GQ C . -2.38 -18.91 -7.10
N1 7GQ C . -1.68 -18.59 -8.30
C2 7GQ C . -0.74 -17.66 -8.55
N 7GQ C . -0.29 -17.74 -9.79
N2 7GQ C . -1.88 -19.35 -9.43
C1 7GQ C . -1.04 -18.78 -10.28
C 7GQ C . -0.95 -19.22 -11.69
H18 7GQ C . -0.06 -13.54 1.32
H19 7GQ C . 0.87 -14.84 2.03
H17 7GQ C . -4.86 -13.43 -0.76
H16 7GQ C . -6.85 -17.33 -0.56
H15 7GQ C . -5.97 -17.47 -2.02
H9 7GQ C . -6.94 -19.80 -1.75
H14 7GQ C . -3.14 -19.20 0.27
H12 7GQ C . -4.92 -20.15 1.82
H13 7GQ C . -5.29 -18.50 1.89
H10 7GQ C . -6.87 -20.65 0.63
H11 7GQ C . -7.39 -19.03 0.84
H8 7GQ C . -4.73 -20.99 -0.95
H7 7GQ C . -3.29 -18.99 -2.30
H5 7GQ C . -3.35 -21.64 -5.32
H4 7GQ C . -2.23 -21.06 -7.39
H6 7GQ C . -2.79 -16.85 -6.48
H3 7GQ C . -0.44 -16.89 -7.86
H1 7GQ C . -0.01 -18.93 -12.14
H 7GQ C . -1.73 -18.75 -12.29
H2 7GQ C . -1.07 -20.30 -11.80
NA NA D . -16.13 -0.17 12.54
C3' NHE E . -3.21 -13.84 17.86
C2' NHE E . -4.14 -12.68 18.21
C1' NHE E . -5.18 -12.51 17.11
C6' NHE E . -6.03 -13.77 17.05
N NHE E . -5.96 -11.32 17.41
C1 NHE E . -7.07 -10.94 16.55
C2 NHE E . -7.72 -9.62 16.96
S NHE E . -9.29 -9.56 16.38
O1 NHE E . -9.29 -9.85 14.98
O2 NHE E . -9.79 -8.24 16.64
O3 NHE E . -10.19 -10.56 17.16
C5' NHE E . -5.13 -14.96 16.72
C4' NHE E . -4.02 -15.13 17.75
H3'1 NHE E . -2.46 -13.95 18.64
H3'2 NHE E . -2.71 -13.65 16.91
H2'1 NHE E . -3.57 -11.76 18.30
H2'2 NHE E . -4.64 -12.87 19.17
HC'1 NHE E . -4.68 -12.39 16.14
H6'1 NHE E . -6.80 -13.68 16.28
H6'2 NHE E . -6.54 -13.92 18.01
HN NHE E . -5.71 -10.74 18.19
HC11 NHE E . -6.70 -10.85 15.52
HC12 NHE E . -7.83 -11.72 16.56
HC21 NHE E . -7.74 -9.51 18.05
HC22 NHE E . -7.16 -8.78 16.53
HO3 NHE E . -10.99 -10.24 17.60
H5'1 NHE E . -4.70 -14.84 15.72
H5'2 NHE E . -5.76 -15.85 16.72
H4'1 NHE E . -3.35 -15.94 17.47
H4'2 NHE E . -4.45 -15.37 18.73
#